data_1OSY
#
_entry.id   1OSY
#
_cell.length_a   97.118
_cell.length_b   97.118
_cell.length_c   61.413
_cell.angle_alpha   90.00
_cell.angle_beta   90.00
_cell.angle_gamma   90.00
#
_symmetry.space_group_name_H-M   'P 43 21 2'
#
loop_
_entity.id
_entity.type
_entity.pdbx_description
1 polymer 'IMMUNOMODULATORY PROTEIN FIP-FVE'
2 non-polymer 'BROMIDE ION'
3 water water
#
_entity_poly.entity_id   1
_entity_poly.type   'polypeptide(L)'
_entity_poly.pdbx_seq_one_letter_code
;(ACE)SATSLTFQLAYLVKKIDFDYTPNWGRGTPSSYIDNLTFPKVLTDKKYSYRVVVNGSDLGVESNFAVTPSGGQTIN
FLQYNKGYGVADTKTIQVFVVIPDTGNSEEYIIAEWKKT
;
_entity_poly.pdbx_strand_id   A,B
#
# COMPACT_ATOMS: atom_id res chain seq x y z
N SER A 2 12.75 -2.30 0.38
CA SER A 2 12.17 -3.13 -0.70
C SER A 2 10.66 -2.97 -0.71
N ALA A 3 10.04 -3.22 -1.85
CA ALA A 3 8.59 -3.34 -1.98
C ALA A 3 7.99 -4.14 -0.82
N THR A 4 8.58 -5.28 -0.52
CA THR A 4 8.06 -6.10 0.56
C THR A 4 8.12 -5.41 1.91
N SER A 5 9.26 -4.80 2.25
CA SER A 5 9.38 -4.12 3.55
C SER A 5 8.42 -2.96 3.65
N LEU A 6 8.32 -2.17 2.59
CA LEU A 6 7.42 -1.03 2.60
C LEU A 6 5.98 -1.47 2.76
N THR A 7 5.62 -2.54 2.06
CA THR A 7 4.27 -3.07 2.12
C THR A 7 3.88 -3.42 3.55
N PHE A 8 4.71 -4.21 4.23
CA PHE A 8 4.29 -4.66 5.56
C PHE A 8 4.53 -3.63 6.66
N GLN A 9 5.49 -2.73 6.48
CA GLN A 9 5.60 -1.63 7.42
C GLN A 9 4.32 -0.78 7.32
N LEU A 10 3.87 -0.52 6.09
CA LEU A 10 2.68 0.31 5.89
C LEU A 10 1.47 -0.45 6.41
N ALA A 11 1.36 -1.73 6.06
CA ALA A 11 0.21 -2.53 6.53
C ALA A 11 0.03 -2.51 8.06
N TYR A 12 1.11 -2.69 8.80
CA TYR A 12 1.01 -2.72 10.24
C TYR A 12 0.59 -1.34 10.79
N LEU A 13 0.99 -0.27 10.11
CA LEU A 13 0.72 1.10 10.57
C LEU A 13 -0.70 1.61 10.25
N VAL A 14 -1.19 1.35 9.05
CA VAL A 14 -2.49 1.90 8.63
C VAL A 14 -3.57 0.86 8.39
N LYS A 15 -3.17 -0.40 8.43
CA LYS A 15 -4.05 -1.57 8.29
C LYS A 15 -4.66 -1.83 6.93
N LYS A 16 -5.29 -0.82 6.34
CA LYS A 16 -6.03 -1.01 5.10
C LYS A 16 -5.69 0.11 4.14
N ILE A 17 -5.42 -0.24 2.89
CA ILE A 17 -5.24 0.76 1.85
C ILE A 17 -5.58 0.11 0.52
N ASP A 18 -5.98 0.94 -0.45
CA ASP A 18 -6.39 0.44 -1.74
C ASP A 18 -6.11 1.54 -2.74
N PHE A 19 -5.06 1.38 -3.54
CA PHE A 19 -4.75 2.41 -4.51
C PHE A 19 -4.25 1.82 -5.82
N ASP A 20 -4.26 2.64 -6.87
CA ASP A 20 -3.71 2.25 -8.16
C ASP A 20 -3.15 3.51 -8.83
N TYR A 21 -1.84 3.67 -8.72
CA TYR A 21 -1.10 4.76 -9.33
C TYR A 21 -0.32 4.26 -10.56
N THR A 22 -0.85 3.26 -11.24
CA THR A 22 -0.27 2.82 -12.49
C THR A 22 -0.32 4.00 -13.45
N PRO A 23 0.82 4.42 -13.99
CA PRO A 23 0.83 5.60 -14.85
C PRO A 23 0.35 5.31 -16.25
N ASN A 24 -0.76 5.94 -16.60
CA ASN A 24 -1.31 5.85 -17.96
C ASN A 24 -1.06 7.18 -18.65
N TRP A 25 -0.15 7.20 -19.62
CA TRP A 25 0.25 8.42 -20.30
C TRP A 25 -0.60 8.59 -21.55
N GLY A 26 -1.30 9.71 -21.66
CA GLY A 26 -2.16 9.94 -22.81
C GLY A 26 -1.46 10.88 -23.78
N ARG A 27 -1.59 10.60 -25.08
CA ARG A 27 -0.91 11.37 -26.09
C ARG A 27 -1.83 12.39 -26.72
N GLY A 28 -1.23 13.41 -27.30
CA GLY A 28 -1.99 14.50 -27.90
C GLY A 28 -1.97 14.46 -29.41
N THR A 29 -2.11 15.64 -30.01
CA THR A 29 -2.11 15.81 -31.45
C THR A 29 -1.03 16.84 -31.84
N PRO A 30 0.04 16.41 -32.52
CA PRO A 30 0.29 15.01 -32.89
C PRO A 30 0.70 14.11 -31.72
N SER A 31 0.71 12.80 -31.99
CA SER A 31 0.88 11.79 -30.95
C SER A 31 2.24 11.77 -30.29
N SER A 32 3.19 12.53 -30.83
CA SER A 32 4.52 12.64 -30.25
C SER A 32 4.52 13.49 -28.97
N TYR A 33 3.39 14.14 -28.66
CA TYR A 33 3.23 14.89 -27.42
C TYR A 33 2.50 14.06 -26.36
N ILE A 34 3.00 14.11 -25.13
CA ILE A 34 2.32 13.55 -23.96
C ILE A 34 1.50 14.68 -23.36
N ASP A 35 0.19 14.52 -23.35
CA ASP A 35 -0.71 15.57 -22.90
C ASP A 35 -1.16 15.38 -21.45
N ASN A 36 -1.13 14.15 -20.96
CA ASN A 36 -1.69 13.90 -19.64
C ASN A 36 -1.25 12.59 -19.02
N LEU A 37 -1.57 12.43 -17.75
CA LEU A 37 -1.23 11.27 -16.95
C LEU A 37 -2.47 10.89 -16.13
N THR A 38 -2.92 9.64 -16.26
CA THR A 38 -4.08 9.18 -15.52
C THR A 38 -3.71 8.06 -14.57
N PHE A 39 -4.19 8.18 -13.33
CA PHE A 39 -4.03 7.13 -12.33
C PHE A 39 -5.40 6.50 -12.12
N PRO A 40 -5.56 5.20 -12.22
CA PRO A 40 -6.89 4.60 -12.08
C PRO A 40 -7.58 4.71 -10.72
N LYS A 41 -6.82 4.75 -9.63
CA LYS A 41 -7.44 4.81 -8.31
C LYS A 41 -6.56 5.58 -7.32
N VAL A 42 -6.76 6.89 -7.26
CA VAL A 42 -5.99 7.72 -6.35
C VAL A 42 -6.55 7.66 -4.93
N LEU A 43 -5.70 8.01 -3.99
CA LEU A 43 -6.17 8.23 -2.63
C LEU A 43 -6.99 9.51 -2.68
N THR A 44 -7.99 9.62 -1.84
CA THR A 44 -8.90 10.76 -2.00
C THR A 44 -9.34 11.27 -0.63
N ASP A 45 -8.59 10.89 0.40
CA ASP A 45 -8.92 11.28 1.76
C ASP A 45 -8.75 12.77 1.93
N LYS A 46 -7.73 13.31 1.26
CA LYS A 46 -7.45 14.75 1.32
C LYS A 46 -7.13 15.28 -0.06
N LYS A 47 -6.96 16.60 -0.17
CA LYS A 47 -6.78 17.25 -1.46
C LYS A 47 -5.34 17.30 -1.89
N TYR A 48 -4.91 16.23 -2.55
CA TYR A 48 -3.56 16.18 -3.09
C TYR A 48 -3.40 17.09 -4.30
N SER A 49 -2.19 17.62 -4.46
CA SER A 49 -1.84 18.39 -5.64
C SER A 49 -0.71 17.67 -6.36
N TYR A 50 -0.40 18.12 -7.57
CA TYR A 50 0.70 17.53 -8.33
C TYR A 50 1.62 18.60 -8.92
N ARG A 51 2.92 18.40 -8.73
CA ARG A 51 3.93 19.23 -9.36
C ARG A 51 4.46 18.52 -10.58
N VAL A 52 4.66 19.26 -11.66
CA VAL A 52 5.17 18.68 -12.90
C VAL A 52 6.49 19.36 -13.25
N VAL A 53 7.50 18.55 -13.51
CA VAL A 53 8.85 19.04 -13.81
C VAL A 53 9.29 18.42 -15.14
N VAL A 54 9.70 19.26 -16.10
CA VAL A 54 10.06 18.78 -17.45
C VAL A 54 11.51 19.12 -17.70
N ASN A 55 12.32 18.09 -17.90
CA ASN A 55 13.75 18.28 -18.10
C ASN A 55 14.34 19.19 -17.02
N GLY A 56 13.89 19.03 -15.78
CA GLY A 56 14.42 19.81 -14.67
C GLY A 56 13.73 21.15 -14.48
N SER A 57 12.87 21.53 -15.42
CA SER A 57 12.17 22.80 -15.29
C SER A 57 10.86 22.61 -14.52
N ASP A 58 10.68 23.36 -13.44
CA ASP A 58 9.51 23.23 -12.58
C ASP A 58 8.35 24.00 -13.19
N LEU A 59 7.29 23.28 -13.55
CA LEU A 59 6.10 23.90 -14.13
C LEU A 59 5.05 24.22 -13.07
N GLY A 60 5.37 23.97 -11.81
CA GLY A 60 4.48 24.36 -10.73
C GLY A 60 3.52 23.28 -10.30
N VAL A 61 2.54 23.70 -9.52
CA VAL A 61 1.65 22.80 -8.83
C VAL A 61 0.20 23.10 -9.15
N GLU A 62 -0.57 22.06 -9.37
CA GLU A 62 -1.99 22.23 -9.72
C GLU A 62 -2.78 21.11 -9.04
N SER A 63 -4.05 21.36 -8.77
CA SER A 63 -4.89 20.35 -8.11
C SER A 63 -6.28 20.16 -8.73
N ASN A 64 -6.62 21.00 -9.69
CA ASN A 64 -8.00 21.00 -10.19
C ASN A 64 -8.16 20.00 -11.31
N PHE A 65 -8.17 18.74 -10.88
CA PHE A 65 -8.39 17.62 -11.76
C PHE A 65 -9.46 16.80 -11.08
N ALA A 66 -10.51 16.53 -11.82
CA ALA A 66 -11.65 15.79 -11.35
C ALA A 66 -11.26 14.39 -10.90
N VAL A 67 -11.88 13.92 -9.82
CA VAL A 67 -11.73 12.53 -9.44
C VAL A 67 -13.05 11.90 -9.87
N THR A 68 -12.97 10.84 -10.65
CA THR A 68 -14.17 10.18 -11.13
C THR A 68 -14.67 9.25 -10.02
N PRO A 69 -15.96 8.96 -10.00
CA PRO A 69 -16.50 8.01 -9.02
C PRO A 69 -15.74 6.66 -8.94
N SER A 70 -15.12 6.24 -10.05
CA SER A 70 -14.30 5.02 -10.06
C SER A 70 -12.97 5.21 -9.32
N GLY A 71 -12.61 6.47 -9.07
CA GLY A 71 -11.42 6.76 -8.31
C GLY A 71 -10.31 7.28 -9.19
N GLY A 72 -10.57 7.40 -10.48
CA GLY A 72 -9.53 7.85 -11.39
C GLY A 72 -9.31 9.36 -11.37
N GLN A 73 -8.10 9.78 -11.71
CA GLN A 73 -7.77 11.19 -11.82
C GLN A 73 -6.78 11.39 -12.95
N THR A 74 -7.08 12.36 -13.81
CA THR A 74 -6.23 12.68 -14.92
C THR A 74 -5.61 14.06 -14.73
N ILE A 75 -4.28 14.07 -14.70
CA ILE A 75 -3.49 15.28 -14.61
C ILE A 75 -3.25 15.78 -16.01
N ASN A 76 -3.83 16.94 -16.35
CA ASN A 76 -3.71 17.51 -17.68
C ASN A 76 -2.52 18.47 -17.82
N PHE A 77 -1.50 18.04 -18.55
CA PHE A 77 -0.28 18.83 -18.65
C PHE A 77 -0.52 20.15 -19.39
N LEU A 78 -1.59 20.25 -20.18
CA LEU A 78 -1.89 21.50 -20.87
C LEU A 78 -2.10 22.66 -19.88
N GLN A 79 -2.53 22.33 -18.65
CA GLN A 79 -2.75 23.31 -17.59
C GLN A 79 -1.41 23.83 -17.01
N TYR A 80 -0.33 23.10 -17.23
CA TYR A 80 0.99 23.48 -16.73
C TYR A 80 1.91 24.07 -17.80
N ASN A 81 1.61 23.77 -19.06
CA ASN A 81 2.56 24.00 -20.17
C ASN A 81 2.00 24.89 -21.27
N LYS A 82 1.28 25.94 -20.87
CA LYS A 82 0.76 26.96 -21.79
C LYS A 82 -0.10 26.41 -22.93
N GLY A 83 -0.91 25.39 -22.62
CA GLY A 83 -1.85 24.83 -23.57
C GLY A 83 -1.31 23.78 -24.52
N TYR A 84 -0.08 23.33 -24.28
CA TYR A 84 0.52 22.28 -25.09
C TYR A 84 0.93 21.14 -24.22
N GLY A 85 0.95 19.94 -24.80
CA GLY A 85 1.50 18.81 -24.10
C GLY A 85 3.02 18.90 -24.16
N VAL A 86 3.69 17.82 -23.76
CA VAL A 86 5.15 17.79 -23.66
C VAL A 86 5.74 16.82 -24.66
N ALA A 87 6.76 17.26 -25.39
CA ALA A 87 7.37 16.37 -26.37
C ALA A 87 7.81 15.10 -25.68
N ASP A 88 7.54 13.95 -26.29
CA ASP A 88 7.87 12.66 -25.67
C ASP A 88 9.36 12.38 -25.57
N THR A 89 10.19 13.27 -26.10
CA THR A 89 11.65 13.16 -25.95
C THR A 89 12.19 13.78 -24.68
N LYS A 90 11.31 14.40 -23.91
CA LYS A 90 11.72 15.04 -22.69
C LYS A 90 11.37 14.15 -21.52
N THR A 91 12.02 14.37 -20.39
CA THR A 91 11.74 13.65 -19.17
C THR A 91 10.67 14.41 -18.40
N ILE A 92 9.60 13.74 -18.04
CA ILE A 92 8.55 14.37 -17.25
C ILE A 92 8.54 13.71 -15.89
N GLN A 93 8.74 14.49 -14.83
CA GLN A 93 8.55 14.00 -13.48
C GLN A 93 7.32 14.60 -12.85
N VAL A 94 6.51 13.77 -12.21
CA VAL A 94 5.32 14.23 -11.51
C VAL A 94 5.44 13.84 -10.04
N PHE A 95 5.18 14.80 -9.16
CA PHE A 95 5.27 14.63 -7.72
C PHE A 95 3.92 14.86 -7.08
N VAL A 96 3.54 13.98 -6.16
CA VAL A 96 2.32 14.22 -5.40
C VAL A 96 2.75 15.14 -4.25
N VAL A 97 2.01 16.22 -4.08
CA VAL A 97 2.31 17.24 -3.07
C VAL A 97 1.25 17.19 -1.96
N ILE A 98 1.72 17.09 -0.73
CA ILE A 98 0.86 16.93 0.43
C ILE A 98 0.31 18.31 0.83
N PRO A 99 -1.00 18.42 1.02
CA PRO A 99 -1.60 19.70 1.41
C PRO A 99 -1.26 20.12 2.82
N ASP A 100 -1.47 21.42 3.07
CA ASP A 100 -1.26 22.03 4.37
C ASP A 100 0.19 21.84 4.78
N THR A 101 1.05 22.04 3.80
CA THR A 101 2.46 21.76 3.94
C THR A 101 3.33 22.81 3.24
N GLY A 102 2.70 23.80 2.62
CA GLY A 102 3.41 24.84 1.90
C GLY A 102 4.14 24.30 0.68
N ASN A 103 3.59 23.22 0.11
CA ASN A 103 4.17 22.53 -1.03
C ASN A 103 5.57 21.94 -0.73
N SER A 104 5.94 21.84 0.55
CA SER A 104 7.27 21.34 0.96
C SER A 104 7.40 19.82 1.08
N GLU A 105 6.31 19.13 1.38
CA GLU A 105 6.34 17.69 1.47
C GLU A 105 5.80 17.14 0.14
N GLU A 106 6.65 16.45 -0.61
CA GLU A 106 6.23 15.90 -1.90
C GLU A 106 6.96 14.60 -2.18
N TYR A 107 6.37 13.79 -3.05
CA TYR A 107 6.91 12.48 -3.38
C TYR A 107 6.79 12.21 -4.88
N ILE A 108 7.85 11.69 -5.49
CA ILE A 108 7.80 11.32 -6.89
C ILE A 108 6.68 10.29 -7.06
N ILE A 109 5.82 10.48 -8.07
CA ILE A 109 4.73 9.54 -8.28
C ILE A 109 4.67 9.01 -9.71
N ALA A 110 5.37 9.62 -10.65
CA ALA A 110 5.46 9.09 -12.01
C ALA A 110 6.64 9.72 -12.75
N GLU A 111 7.24 8.99 -13.69
CA GLU A 111 8.27 9.57 -14.55
C GLU A 111 8.17 9.00 -15.97
N TRP A 112 8.12 9.90 -16.94
CA TRP A 112 8.16 9.58 -18.34
C TRP A 112 9.59 9.82 -18.82
N LYS A 113 10.22 8.78 -19.32
CA LYS A 113 11.53 8.94 -19.93
C LYS A 113 11.65 7.88 -21.00
N LYS A 114 11.51 8.33 -22.24
CA LYS A 114 11.49 7.46 -23.38
C LYS A 114 12.80 6.74 -23.53
N THR A 115 12.66 5.50 -23.99
CA THR A 115 13.79 4.66 -24.30
C THR A 115 13.29 3.58 -25.23
N SER B 2 7.07 8.09 7.91
CA SER B 2 5.67 8.41 8.28
C SER B 2 4.74 7.56 7.45
N ALA B 3 3.51 7.37 7.92
CA ALA B 3 2.50 6.68 7.11
C ALA B 3 2.41 7.25 5.70
N THR B 4 2.43 8.57 5.60
CA THR B 4 2.31 9.24 4.31
C THR B 4 3.49 8.91 3.44
N SER B 5 4.70 9.00 4.01
CA SER B 5 5.89 8.71 3.22
C SER B 5 5.90 7.26 2.74
N LEU B 6 5.59 6.33 3.64
CA LEU B 6 5.55 4.92 3.26
C LEU B 6 4.52 4.70 2.13
N THR B 7 3.37 5.37 2.23
CA THR B 7 2.31 5.23 1.25
C THR B 7 2.81 5.55 -0.13
N PHE B 8 3.45 6.70 -0.27
CA PHE B 8 3.83 7.15 -1.59
C PHE B 8 5.13 6.55 -2.05
N GLN B 9 6.01 6.13 -1.14
CA GLN B 9 7.18 5.37 -1.59
C GLN B 9 6.69 4.05 -2.18
N LEU B 10 5.74 3.42 -1.50
CA LEU B 10 5.21 2.15 -1.99
C LEU B 10 4.43 2.32 -3.28
N ALA B 11 3.62 3.37 -3.37
CA ALA B 11 2.84 3.57 -4.59
C ALA B 11 3.76 3.74 -5.81
N TYR B 12 4.83 4.51 -5.68
CA TYR B 12 5.69 4.73 -6.84
C TYR B 12 6.37 3.44 -7.27
N LEU B 13 6.70 2.60 -6.30
CA LEU B 13 7.38 1.35 -6.57
C LEU B 13 6.49 0.25 -7.15
N VAL B 14 5.35 -0.05 -6.51
CA VAL B 14 4.52 -1.20 -6.88
C VAL B 14 3.26 -0.83 -7.67
N LYS B 15 2.93 0.45 -7.66
CA LYS B 15 1.84 1.04 -8.42
C LYS B 15 0.44 0.73 -7.85
N LYS B 16 0.13 -0.54 -7.62
CA LYS B 16 -1.23 -0.94 -7.28
C LYS B 16 -1.16 -1.93 -6.11
N ILE B 17 -1.97 -1.69 -5.08
CA ILE B 17 -2.06 -2.63 -3.95
C ILE B 17 -3.42 -2.45 -3.26
N ASP B 18 -3.92 -3.53 -2.67
CA ASP B 18 -5.23 -3.54 -2.04
C ASP B 18 -5.15 -4.55 -0.90
N PHE B 19 -5.05 -4.07 0.32
CA PHE B 19 -5.01 -4.98 1.46
C PHE B 19 -5.78 -4.46 2.65
N ASP B 20 -6.06 -5.37 3.57
CA ASP B 20 -6.72 -5.04 4.81
C ASP B 20 -6.25 -6.01 5.88
N TYR B 21 -5.31 -5.51 6.69
CA TYR B 21 -4.75 -6.27 7.80
C TYR B 21 -5.28 -5.75 9.13
N THR B 22 -6.50 -5.23 9.16
CA THR B 22 -7.14 -4.86 10.42
C THR B 22 -7.22 -6.15 11.26
N PRO B 23 -6.66 -6.17 12.47
CA PRO B 23 -6.63 -7.42 13.24
C PRO B 23 -7.91 -7.71 14.02
N ASN B 24 -8.67 -8.70 13.55
CA ASN B 24 -9.89 -9.10 14.22
C ASN B 24 -9.59 -10.33 15.10
N TRP B 25 -9.66 -10.16 16.42
CA TRP B 25 -9.31 -11.21 17.37
C TRP B 25 -10.58 -11.95 17.78
N GLY B 26 -10.61 -13.26 17.49
CA GLY B 26 -11.77 -14.09 17.78
C GLY B 26 -11.57 -14.86 19.06
N ARG B 27 -12.63 -14.98 19.84
CA ARG B 27 -12.52 -15.60 21.15
C ARG B 27 -13.02 -17.01 21.16
N GLY B 28 -12.60 -17.74 22.18
CA GLY B 28 -12.96 -19.14 22.32
C GLY B 28 -13.94 -19.38 23.43
N THR B 29 -13.80 -20.56 24.04
CA THR B 29 -14.67 -21.02 25.09
C THR B 29 -13.78 -21.54 26.21
N PRO B 30 -13.75 -20.88 27.36
CA PRO B 30 -14.49 -19.64 27.63
C PRO B 30 -13.94 -18.46 26.88
N SER B 31 -14.70 -17.39 26.91
CA SER B 31 -14.46 -16.22 26.06
C SER B 31 -13.23 -15.38 26.44
N SER B 32 -12.62 -15.72 27.56
CA SER B 32 -11.42 -15.07 28.03
C SER B 32 -10.23 -15.52 27.20
N TYR B 33 -10.41 -16.59 26.44
CA TYR B 33 -9.38 -17.06 25.49
C TYR B 33 -9.51 -16.44 24.10
N ILE B 34 -8.36 -16.06 23.53
CA ILE B 34 -8.30 -15.60 22.14
C ILE B 34 -7.87 -16.80 21.31
N ASP B 35 -8.73 -17.27 20.42
CA ASP B 35 -8.44 -18.46 19.62
C ASP B 35 -7.88 -18.19 18.26
N ASN B 36 -8.05 -16.98 17.73
CA ASN B 36 -7.66 -16.76 16.34
C ASN B 36 -7.57 -15.28 16.01
N LEU B 37 -7.03 -15.00 14.83
CA LEU B 37 -6.82 -13.67 14.32
C LEU B 37 -7.23 -13.69 12.86
N THR B 38 -8.14 -12.80 12.47
CA THR B 38 -8.59 -12.75 11.08
C THR B 38 -8.26 -11.41 10.44
N PHE B 39 -7.68 -11.48 9.25
CA PHE B 39 -7.42 -10.31 8.42
C PHE B 39 -8.41 -10.30 7.25
N PRO B 40 -9.16 -9.21 7.02
CA PRO B 40 -10.18 -9.20 5.95
C PRO B 40 -9.69 -9.31 4.52
N LYS B 41 -8.48 -8.86 4.23
CA LYS B 41 -7.99 -8.94 2.85
C LYS B 41 -6.48 -9.02 2.83
N VAL B 42 -5.97 -10.24 2.85
CA VAL B 42 -4.53 -10.44 2.81
C VAL B 42 -4.01 -10.40 1.39
N LEU B 43 -2.70 -10.19 1.28
CA LEU B 43 -2.05 -10.28 -0.02
C LEU B 43 -1.96 -11.77 -0.38
N THR B 44 -2.02 -12.08 -1.67
CA THR B 44 -1.96 -13.47 -2.09
C THR B 44 -0.93 -13.70 -3.18
N ASP B 45 -0.06 -12.72 -3.41
CA ASP B 45 1.01 -12.87 -4.41
C ASP B 45 2.12 -13.87 -4.07
N LYS B 46 2.27 -14.19 -2.78
CA LYS B 46 3.29 -15.11 -2.29
C LYS B 46 2.62 -16.00 -1.25
N LYS B 47 3.27 -17.12 -0.92
CA LYS B 47 2.75 -18.07 0.04
C LYS B 47 3.22 -17.66 1.42
N TYR B 48 2.48 -16.76 2.06
CA TYR B 48 2.93 -16.25 3.36
C TYR B 48 2.64 -17.22 4.49
N SER B 49 3.52 -17.22 5.49
CA SER B 49 3.27 -17.97 6.70
C SER B 49 3.29 -16.97 7.86
N TYR B 50 2.94 -17.45 9.03
CA TYR B 50 2.87 -16.61 10.21
C TYR B 50 3.54 -17.27 11.40
N ARG B 51 4.35 -16.48 12.11
CA ARG B 51 5.01 -16.91 13.33
C ARG B 51 4.30 -16.24 14.50
N VAL B 52 3.99 -17.03 15.52
CA VAL B 52 3.22 -16.55 16.66
C VAL B 52 4.05 -16.67 17.95
N VAL B 53 4.02 -15.60 18.76
CA VAL B 53 4.79 -15.50 20.00
C VAL B 53 3.85 -15.10 21.14
N VAL B 54 3.84 -15.88 22.23
CA VAL B 54 2.94 -15.63 23.34
C VAL B 54 3.75 -15.29 24.59
N ASN B 55 3.58 -14.08 25.10
CA ASN B 55 4.40 -13.62 26.24
C ASN B 55 5.89 -13.88 26.01
N GLY B 56 6.35 -13.62 24.78
CA GLY B 56 7.75 -13.77 24.40
C GLY B 56 8.21 -15.18 24.05
N SER B 57 7.34 -16.17 24.23
CA SER B 57 7.62 -17.56 23.88
C SER B 57 7.21 -17.82 22.42
N ASP B 58 8.18 -18.06 21.57
CA ASP B 58 7.97 -18.34 20.15
C ASP B 58 7.29 -19.71 19.96
N LEU B 59 6.08 -19.71 19.42
CA LEU B 59 5.42 -20.99 19.10
C LEU B 59 5.68 -21.46 17.67
N GLY B 60 6.52 -20.73 16.95
CA GLY B 60 6.96 -21.12 15.61
C GLY B 60 5.97 -20.71 14.54
N VAL B 61 6.12 -21.36 13.38
CA VAL B 61 5.46 -20.94 12.16
C VAL B 61 4.45 -21.93 11.67
N GLU B 62 3.44 -21.41 10.98
CA GLU B 62 2.42 -22.25 10.37
C GLU B 62 1.87 -21.50 9.17
N SER B 63 1.30 -22.22 8.21
CA SER B 63 0.78 -21.57 7.03
C SER B 63 -0.52 -22.16 6.55
N ASN B 64 -1.01 -23.21 7.22
CA ASN B 64 -2.17 -23.92 6.72
C ASN B 64 -3.45 -23.24 7.18
N PHE B 65 -3.70 -22.07 6.57
CA PHE B 65 -4.87 -21.23 6.79
C PHE B 65 -5.43 -20.77 5.44
N ALA B 66 -6.66 -21.18 5.15
CA ALA B 66 -7.27 -20.92 3.86
C ALA B 66 -7.42 -19.45 3.63
N VAL B 67 -7.25 -19.01 2.39
CA VAL B 67 -7.64 -17.66 2.03
C VAL B 67 -9.01 -17.79 1.37
N THR B 68 -10.01 -17.09 1.88
CA THR B 68 -11.36 -17.18 1.31
C THR B 68 -11.42 -16.30 0.04
N PRO B 69 -12.43 -16.48 -0.80
CA PRO B 69 -12.55 -15.70 -2.04
C PRO B 69 -12.57 -14.18 -1.86
N SER B 70 -13.06 -13.73 -0.70
CA SER B 70 -13.11 -12.31 -0.31
C SER B 70 -11.73 -11.77 0.01
N GLY B 71 -10.81 -12.70 0.22
CA GLY B 71 -9.43 -12.41 0.49
C GLY B 71 -9.14 -12.53 1.98
N GLY B 72 -10.09 -13.02 2.75
CA GLY B 72 -9.90 -13.12 4.19
C GLY B 72 -9.05 -14.31 4.59
N GLN B 73 -8.43 -14.22 5.76
CA GLN B 73 -7.60 -15.31 6.27
C GLN B 73 -7.62 -15.32 7.78
N THR B 74 -7.91 -16.49 8.34
CA THR B 74 -7.96 -16.66 9.79
C THR B 74 -6.80 -17.55 10.26
N ILE B 75 -5.94 -16.97 11.09
CA ILE B 75 -4.83 -17.65 11.72
C ILE B 75 -5.40 -18.26 13.01
N ASN B 76 -5.45 -19.57 13.06
CA ASN B 76 -6.03 -20.30 14.18
C ASN B 76 -4.95 -20.66 15.18
N PHE B 77 -4.99 -20.02 16.35
CA PHE B 77 -3.93 -20.21 17.33
C PHE B 77 -3.91 -21.63 17.90
N LEU B 78 -5.03 -22.35 17.79
CA LEU B 78 -5.07 -23.73 18.28
C LEU B 78 -4.07 -24.63 17.54
N GLN B 79 -3.70 -24.25 16.32
CA GLN B 79 -2.73 -24.97 15.51
C GLN B 79 -1.30 -24.74 15.99
N TYR B 80 -1.09 -23.73 16.84
CA TYR B 80 0.23 -23.43 17.40
C TYR B 80 0.37 -23.80 18.86
N ASN B 81 -0.74 -23.77 19.58
CA ASN B 81 -0.71 -23.85 21.03
C ASN B 81 -1.31 -25.13 21.56
N LYS B 82 -1.07 -26.21 20.84
CA LYS B 82 -1.46 -27.55 21.29
C LYS B 82 -2.96 -27.72 21.56
N GLY B 83 -3.79 -27.10 20.70
CA GLY B 83 -5.23 -27.27 20.71
C GLY B 83 -5.98 -26.34 21.63
N TYR B 84 -5.28 -25.34 22.17
CA TYR B 84 -5.88 -24.37 23.06
C TYR B 84 -5.68 -22.95 22.55
N GLY B 85 -6.62 -22.07 22.83
CA GLY B 85 -6.41 -20.65 22.58
C GLY B 85 -5.46 -20.06 23.65
N VAL B 86 -5.32 -18.74 23.61
CA VAL B 86 -4.37 -18.02 24.45
C VAL B 86 -5.12 -17.10 25.39
N ALA B 87 -4.84 -17.20 26.68
CA ALA B 87 -5.48 -16.32 27.65
C ALA B 87 -5.30 -14.85 27.25
N ASP B 88 -6.39 -14.08 27.32
CA ASP B 88 -6.34 -12.67 26.89
C ASP B 88 -5.48 -11.78 27.77
N THR B 89 -4.97 -12.33 28.87
CA THR B 89 -4.07 -11.59 29.73
C THR B 89 -2.64 -11.67 29.25
N LYS B 90 -2.38 -12.48 28.22
CA LYS B 90 -1.04 -12.61 27.66
C LYS B 90 -0.88 -11.74 26.42
N THR B 91 0.36 -11.37 26.12
CA THR B 91 0.66 -10.65 24.88
C THR B 91 0.82 -11.65 23.73
N ILE B 92 0.24 -11.32 22.57
CA ILE B 92 0.35 -12.16 21.40
C ILE B 92 0.98 -11.33 20.31
N GLN B 93 2.07 -11.81 19.74
CA GLN B 93 2.65 -11.13 18.59
C GLN B 93 2.60 -12.07 17.40
N VAL B 94 2.22 -11.55 16.26
CA VAL B 94 2.15 -12.34 15.02
C VAL B 94 3.01 -11.67 13.98
N PHE B 95 3.94 -12.44 13.38
CA PHE B 95 4.81 -11.96 12.32
C PHE B 95 4.44 -12.65 11.03
N VAL B 96 4.43 -11.88 9.95
CA VAL B 96 4.26 -12.46 8.61
C VAL B 96 5.66 -12.79 8.11
N VAL B 97 5.83 -14.02 7.64
CA VAL B 97 7.12 -14.53 7.21
C VAL B 97 7.13 -14.67 5.71
N ILE B 98 8.14 -14.09 5.08
CA ILE B 98 8.21 -14.09 3.63
C ILE B 98 8.81 -15.41 3.14
N PRO B 99 8.17 -16.08 2.18
CA PRO B 99 8.67 -17.35 1.66
C PRO B 99 9.94 -17.19 0.85
N ASP B 100 10.68 -18.27 0.75
CA ASP B 100 11.95 -18.31 0.00
C ASP B 100 13.03 -17.40 0.58
N THR B 101 13.00 -17.19 1.91
CA THR B 101 14.07 -16.47 2.63
C THR B 101 14.63 -17.28 3.79
N GLY B 102 14.39 -18.59 3.77
CA GLY B 102 14.83 -19.46 4.86
C GLY B 102 14.24 -19.04 6.19
N ASN B 103 13.04 -18.49 6.12
CA ASN B 103 12.30 -17.96 7.27
C ASN B 103 12.99 -16.82 8.01
N SER B 104 13.91 -16.17 7.35
CA SER B 104 14.68 -15.10 8.00
C SER B 104 14.07 -13.71 7.80
N GLU B 105 13.20 -13.54 6.81
CA GLU B 105 12.60 -12.23 6.55
C GLU B 105 11.18 -12.23 7.08
N GLU B 106 10.90 -11.39 8.07
CA GLU B 106 9.56 -11.34 8.65
C GLU B 106 9.25 -9.92 9.13
N TYR B 107 7.96 -9.66 9.32
CA TYR B 107 7.47 -8.34 9.74
C TYR B 107 6.36 -8.48 10.77
N ILE B 108 6.38 -7.66 11.82
CA ILE B 108 5.26 -7.68 12.75
C ILE B 108 4.00 -7.34 11.96
N ILE B 109 2.94 -8.11 12.18
CA ILE B 109 1.68 -7.86 11.49
C ILE B 109 0.46 -7.73 12.41
N ALA B 110 0.57 -8.17 13.66
CA ALA B 110 -0.49 -8.00 14.64
C ALA B 110 0.07 -8.17 16.05
N GLU B 111 -0.47 -7.39 16.98
CA GLU B 111 -0.14 -7.54 18.38
C GLU B 111 -1.40 -7.40 19.25
N TRP B 112 -1.60 -8.38 20.12
CA TRP B 112 -2.60 -8.29 21.17
C TRP B 112 -1.89 -7.99 22.48
N LYS B 113 -2.24 -6.87 23.11
CA LYS B 113 -1.75 -6.59 24.44
C LYS B 113 -2.87 -5.92 25.25
#